data_5OWE
#
_entry.id   5OWE
#
_cell.length_a   60.530
_cell.length_b   60.530
_cell.length_c   63.680
_cell.angle_alpha   90.00
_cell.angle_beta   90.00
_cell.angle_gamma   120.00
#
_symmetry.space_group_name_H-M   'P 32 2 1'
#
loop_
_entity.id
_entity.type
_entity.pdbx_description
1 polymer Peregrin
2 non-polymer 1,3-bis(oxidanyl)benzo[c]chromen-6-one
3 non-polymer 'NITRATE ION'
4 water water
#
_entity_poly.entity_id   1
_entity_poly.type   'polypeptide(L)'
_entity_poly.pdbx_seq_one_letter_code
;SMEMQLTPFLILLRKTLEQLQEKDTGNIFSEPVPLSEVPDYLDHIKKPMDFFTMKQNLEAYRYLNFDDFEEDFNLIVSNC
LKYNAKDTIFYRAAVRLREQGGAVLRQARRQAEKMG
;
_entity_poly.pdbx_strand_id   A
#
loop_
_chem_comp.id
_chem_comp.type
_chem_comp.name
_chem_comp.formula
B0E non-polymer 1,3-bis(oxidanyl)benzo[c]chromen-6-one 'C13 H8 O4'
NO3 non-polymer 'NITRATE ION' 'N O3 -1'
#
# COMPACT_ATOMS: atom_id res chain seq x y z
N GLU A 3 -23.25 1.82 12.15
CA GLU A 3 -22.15 1.86 11.19
C GLU A 3 -22.07 3.26 10.57
N MET A 4 -21.32 3.41 9.48
CA MET A 4 -21.00 4.72 8.94
C MET A 4 -21.51 4.86 7.50
N GLN A 5 -21.38 6.07 6.97
CA GLN A 5 -21.74 6.36 5.60
C GLN A 5 -20.56 6.05 4.68
N LEU A 6 -20.87 5.55 3.48
CA LEU A 6 -19.81 5.12 2.58
C LEU A 6 -18.94 6.29 2.12
N THR A 7 -19.57 7.36 1.62
CA THR A 7 -18.79 8.40 0.96
C THR A 7 -17.74 9.07 1.84
N PRO A 8 -17.99 9.42 3.12
CA PRO A 8 -16.89 10.00 3.92
C PRO A 8 -15.77 9.02 4.20
N PHE A 9 -16.11 7.75 4.41
CA PHE A 9 -15.07 6.72 4.56
C PHE A 9 -14.17 6.68 3.33
N LEU A 10 -14.76 6.68 2.13
CA LEU A 10 -13.92 6.61 0.94
C LEU A 10 -13.12 7.87 0.77
N ILE A 11 -13.68 9.02 1.14
CA ILE A 11 -12.91 10.27 1.14
C ILE A 11 -11.69 10.12 2.04
N LEU A 12 -11.88 9.51 3.22
CA LEU A 12 -10.76 9.32 4.14
C LEU A 12 -9.74 8.36 3.56
N LEU A 13 -10.17 7.24 2.94
CA LEU A 13 -9.19 6.33 2.34
C LEU A 13 -8.45 7.00 1.19
N ARG A 14 -9.13 7.86 0.41
CA ARG A 14 -8.44 8.52 -0.69
C ARG A 14 -7.33 9.41 -0.17
N LYS A 15 -7.63 10.19 0.88
CA LYS A 15 -6.60 11.03 1.47
C LYS A 15 -5.48 10.20 2.08
N THR A 16 -5.84 9.10 2.74
CA THR A 16 -4.83 8.24 3.35
C THR A 16 -3.92 7.64 2.30
N LEU A 17 -4.49 7.20 1.17
CA LEU A 17 -3.66 6.67 0.10
C LEU A 17 -2.71 7.73 -0.42
N GLU A 18 -3.18 8.97 -0.57
CA GLU A 18 -2.30 10.05 -1.02
C GLU A 18 -1.16 10.24 -0.03
N GLN A 19 -1.46 10.13 1.28
CA GLN A 19 -0.43 10.36 2.29
C GLN A 19 0.59 9.24 2.31
N LEU A 20 0.16 8.00 2.04
CA LEU A 20 1.12 6.91 1.94
C LEU A 20 1.99 7.06 0.71
N GLN A 21 1.40 7.43 -0.42
CA GLN A 21 2.22 7.67 -1.61
C GLN A 21 3.25 8.75 -1.34
N GLU A 22 2.89 9.77 -0.55
CA GLU A 22 3.83 10.84 -0.21
C GLU A 22 5.06 10.32 0.52
N LYS A 23 4.93 9.23 1.29
CA LYS A 23 6.10 8.66 1.95
C LYS A 23 6.99 7.88 1.00
N ASP A 24 6.44 7.42 -0.12
CA ASP A 24 7.19 6.74 -1.17
C ASP A 24 7.77 7.82 -2.07
N THR A 25 8.73 8.54 -1.51
CA THR A 25 9.29 9.70 -2.21
C THR A 25 9.99 9.29 -3.50
N GLY A 26 10.52 8.08 -3.56
CA GLY A 26 11.09 7.58 -4.79
C GLY A 26 10.09 7.13 -5.82
N ASN A 27 8.80 7.04 -5.47
CA ASN A 27 7.78 6.48 -6.37
C ASN A 27 8.13 5.06 -6.76
N ILE A 28 8.73 4.32 -5.83
CA ILE A 28 9.12 2.94 -6.10
C ILE A 28 7.88 2.07 -6.24
N PHE A 29 6.82 2.41 -5.51
CA PHE A 29 5.64 1.55 -5.40
C PHE A 29 4.41 2.16 -6.08
N SER A 30 4.60 3.13 -6.98
CA SER A 30 3.44 3.81 -7.55
CA SER A 30 3.46 3.83 -7.57
C SER A 30 2.70 2.95 -8.56
N GLU A 31 3.41 2.12 -9.30
CA GLU A 31 2.83 1.30 -10.36
C GLU A 31 3.19 -0.15 -10.11
N PRO A 32 2.50 -1.09 -10.75
CA PRO A 32 2.87 -2.50 -10.61
C PRO A 32 4.34 -2.73 -10.93
N VAL A 33 4.93 -3.72 -10.28
CA VAL A 33 6.31 -4.07 -10.59
C VAL A 33 6.40 -4.48 -12.06
N PRO A 34 7.30 -3.90 -12.85
CA PRO A 34 7.33 -4.19 -14.29
C PRO A 34 7.74 -5.63 -14.59
N LEU A 35 6.75 -6.49 -14.81
CA LEU A 35 7.02 -7.91 -15.02
C LEU A 35 7.90 -8.16 -16.23
N SER A 36 7.82 -7.31 -17.24
CA SER A 36 8.69 -7.44 -18.40
C SER A 36 10.14 -7.18 -18.06
N GLU A 37 10.43 -6.53 -16.93
CA GLU A 37 11.80 -6.29 -16.49
C GLU A 37 12.21 -7.16 -15.32
N VAL A 38 11.26 -7.74 -14.59
CA VAL A 38 11.54 -8.67 -13.51
C VAL A 38 10.87 -9.99 -13.88
N PRO A 39 11.47 -10.81 -14.75
CA PRO A 39 10.74 -11.95 -15.31
C PRO A 39 10.41 -13.03 -14.30
N ASP A 40 11.09 -13.10 -13.16
CA ASP A 40 10.84 -14.17 -12.19
C ASP A 40 10.04 -13.68 -10.98
N TYR A 41 9.31 -12.56 -11.12
CA TYR A 41 8.69 -11.95 -9.95
C TYR A 41 7.53 -12.80 -9.42
N LEU A 42 6.59 -13.17 -10.30
CA LEU A 42 5.42 -13.93 -9.87
C LEU A 42 5.75 -15.34 -9.39
N ASP A 43 7.02 -15.77 -9.45
CA ASP A 43 7.37 -17.11 -9.01
C ASP A 43 7.11 -17.30 -7.52
N HIS A 44 7.48 -16.31 -6.69
CA HIS A 44 7.32 -16.41 -5.26
C HIS A 44 6.49 -15.30 -4.65
N ILE A 45 6.01 -14.35 -5.44
CA ILE A 45 5.09 -13.32 -4.99
C ILE A 45 3.68 -13.74 -5.41
N LYS A 46 2.89 -14.20 -4.44
CA LYS A 46 1.56 -14.71 -4.76
C LYS A 46 0.64 -13.59 -5.27
N LYS A 47 0.59 -12.48 -4.54
CA LYS A 47 -0.32 -11.37 -4.87
C LYS A 47 0.44 -10.05 -4.97
N PRO A 48 0.83 -9.64 -6.17
CA PRO A 48 1.46 -8.33 -6.33
C PRO A 48 0.53 -7.19 -5.95
N MET A 49 1.12 -6.09 -5.47
CA MET A 49 0.32 -4.95 -5.09
C MET A 49 1.15 -3.68 -5.28
N ASP A 50 0.46 -2.57 -5.46
CA ASP A 50 1.08 -1.27 -5.71
C ASP A 50 0.02 -0.21 -5.48
N PHE A 51 0.46 1.05 -5.45
CA PHE A 51 -0.48 2.11 -5.09
C PHE A 51 -1.49 2.39 -6.19
N PHE A 52 -1.11 2.22 -7.45
CA PHE A 52 -2.07 2.43 -8.54
C PHE A 52 -3.18 1.38 -8.49
N THR A 53 -2.83 0.11 -8.26
CA THR A 53 -3.85 -0.90 -8.08
C THR A 53 -4.72 -0.59 -6.87
N MET A 54 -4.12 -0.09 -5.78
CA MET A 54 -4.93 0.20 -4.59
C MET A 54 -5.97 1.27 -4.88
N LYS A 55 -5.59 2.30 -5.65
CA LYS A 55 -6.54 3.34 -6.01
C LYS A 55 -7.67 2.77 -6.85
N GLN A 56 -7.35 1.82 -7.73
CA GLN A 56 -8.41 1.19 -8.52
C GLN A 56 -9.31 0.34 -7.64
N ASN A 57 -8.72 -0.45 -6.75
CA ASN A 57 -9.51 -1.23 -5.81
C ASN A 57 -10.36 -0.33 -4.91
N LEU A 58 -9.81 0.79 -4.46
CA LEU A 58 -10.59 1.74 -3.67
C LEU A 58 -11.86 2.14 -4.41
N GLU A 59 -11.69 2.61 -5.66
CA GLU A 59 -12.85 3.02 -6.44
C GLU A 59 -13.76 1.84 -6.80
N ALA A 60 -13.22 0.61 -6.80
CA ALA A 60 -13.99 -0.59 -7.06
C ALA A 60 -14.57 -1.21 -5.79
N TYR A 61 -14.57 -0.46 -4.68
CA TYR A 61 -15.19 -0.85 -3.42
C TYR A 61 -14.60 -2.14 -2.84
N ARG A 62 -13.35 -2.45 -3.19
CA ARG A 62 -12.66 -3.56 -2.53
C ARG A 62 -12.32 -3.24 -1.07
N TYR A 63 -12.37 -1.97 -0.69
CA TYR A 63 -12.00 -1.52 0.66
C TYR A 63 -13.19 -0.87 1.31
N LEU A 64 -13.95 -1.67 2.06
CA LEU A 64 -15.10 -1.21 2.81
C LEU A 64 -14.82 -1.14 4.30
N ASN A 65 -13.59 -1.45 4.71
CA ASN A 65 -13.19 -1.31 6.10
C ASN A 65 -11.70 -1.01 6.07
N PHE A 66 -11.19 -0.55 7.20
CA PHE A 66 -9.80 -0.15 7.18
C PHE A 66 -8.86 -1.34 7.05
N ASP A 67 -9.27 -2.53 7.52
CA ASP A 67 -8.32 -3.63 7.53
C ASP A 67 -8.00 -4.12 6.13
N ASP A 68 -8.98 -4.09 5.23
CA ASP A 68 -8.68 -4.58 3.88
C ASP A 68 -7.76 -3.61 3.16
N PHE A 69 -7.96 -2.31 3.39
CA PHE A 69 -7.06 -1.28 2.86
C PHE A 69 -5.66 -1.51 3.37
N GLU A 70 -5.51 -1.66 4.69
CA GLU A 70 -4.19 -1.85 5.28
C GLU A 70 -3.54 -3.15 4.83
N GLU A 71 -4.34 -4.20 4.59
CA GLU A 71 -3.79 -5.47 4.14
C GLU A 71 -3.09 -5.33 2.78
N ASP A 72 -3.68 -4.57 1.86
CA ASP A 72 -3.03 -4.39 0.58
C ASP A 72 -1.81 -3.48 0.69
N PHE A 73 -1.84 -2.49 1.58
CA PHE A 73 -0.63 -1.70 1.81
C PHE A 73 0.48 -2.58 2.37
N ASN A 74 0.12 -3.48 3.30
CA ASN A 74 1.13 -4.35 3.86
C ASN A 74 1.70 -5.28 2.81
N LEU A 75 0.91 -5.63 1.79
CA LEU A 75 1.43 -6.45 0.71
C LEU A 75 2.51 -5.72 -0.06
N ILE A 76 2.33 -4.41 -0.28
CA ILE A 76 3.34 -3.64 -1.00
C ILE A 76 4.67 -3.79 -0.28
N VAL A 77 4.63 -3.63 1.03
CA VAL A 77 5.82 -3.73 1.86
C VAL A 77 6.35 -5.16 1.87
N SER A 78 5.50 -6.13 2.22
CA SER A 78 5.98 -7.48 2.44
CA SER A 78 5.98 -7.48 2.44
C SER A 78 6.47 -8.12 1.14
N ASN A 79 5.81 -7.83 0.02
CA ASN A 79 6.30 -8.37 -1.25
C ASN A 79 7.71 -7.88 -1.52
N CYS A 80 7.96 -6.61 -1.25
CA CYS A 80 9.27 -6.04 -1.53
C CYS A 80 10.34 -6.60 -0.58
N LEU A 81 10.00 -6.77 0.70
CA LEU A 81 10.96 -7.39 1.62
C LEU A 81 11.26 -8.82 1.20
N LYS A 82 10.25 -9.54 0.71
CA LYS A 82 10.45 -10.93 0.32
C LYS A 82 11.33 -11.05 -0.92
N TYR A 83 11.07 -10.24 -1.96
CA TYR A 83 11.73 -10.46 -3.24
C TYR A 83 13.18 -10.02 -3.22
N ASN A 84 13.49 -8.96 -2.47
CA ASN A 84 14.76 -8.26 -2.58
C ASN A 84 15.68 -8.57 -1.40
N ALA A 85 16.97 -8.65 -1.69
CA ALA A 85 17.97 -8.86 -0.66
C ALA A 85 18.04 -7.68 0.30
N LYS A 86 18.52 -7.94 1.51
CA LYS A 86 18.49 -6.94 2.57
C LYS A 86 19.38 -5.74 2.25
N ASP A 87 20.47 -5.94 1.50
CA ASP A 87 21.39 -4.84 1.23
C ASP A 87 21.04 -4.09 -0.05
N THR A 88 19.77 -4.06 -0.44
CA THR A 88 19.36 -3.33 -1.63
C THR A 88 18.60 -2.08 -1.26
N ILE A 89 18.57 -1.13 -2.21
CA ILE A 89 17.74 0.05 -2.04
C ILE A 89 16.28 -0.33 -1.88
N PHE A 90 15.80 -1.31 -2.67
CA PHE A 90 14.40 -1.71 -2.59
C PHE A 90 14.02 -2.20 -1.21
N TYR A 91 14.83 -3.11 -0.64
CA TYR A 91 14.50 -3.63 0.68
C TYR A 91 14.44 -2.51 1.71
N ARG A 92 15.42 -1.60 1.70
CA ARG A 92 15.38 -0.53 2.70
C ARG A 92 14.22 0.44 2.48
N ALA A 93 13.84 0.66 1.22
CA ALA A 93 12.69 1.51 0.92
C ALA A 93 11.42 0.94 1.52
N ALA A 94 11.27 -0.39 1.47
CA ALA A 94 10.08 -1.01 2.04
C ALA A 94 10.08 -0.93 3.55
N VAL A 95 11.25 -1.11 4.18
CA VAL A 95 11.33 -0.93 5.64
C VAL A 95 10.91 0.47 6.01
N ARG A 96 11.40 1.46 5.28
CA ARG A 96 11.08 2.85 5.60
C ARG A 96 9.60 3.12 5.38
N LEU A 97 9.04 2.58 4.30
CA LEU A 97 7.62 2.76 4.04
C LEU A 97 6.78 2.10 5.13
N ARG A 98 7.21 0.92 5.59
CA ARG A 98 6.50 0.28 6.70
C ARG A 98 6.49 1.19 7.92
N GLU A 99 7.64 1.80 8.22
CA GLU A 99 7.73 2.67 9.39
C GLU A 99 6.90 3.92 9.20
N GLN A 100 7.15 4.64 8.12
CA GLN A 100 6.48 5.93 7.93
C GLN A 100 5.00 5.75 7.62
N GLY A 101 4.67 4.68 6.88
CA GLY A 101 3.29 4.36 6.58
C GLY A 101 2.50 3.91 7.79
N GLY A 102 3.16 3.25 8.74
CA GLY A 102 2.45 2.79 9.93
C GLY A 102 1.79 3.93 10.68
N ALA A 103 2.51 5.04 10.82
CA ALA A 103 1.95 6.18 11.53
C ALA A 103 0.80 6.82 10.74
N VAL A 104 0.94 6.93 9.42
CA VAL A 104 -0.15 7.43 8.59
C VAL A 104 -1.42 6.61 8.83
N LEU A 105 -1.25 5.29 8.90
CA LEU A 105 -2.42 4.42 9.01
C LEU A 105 -3.06 4.51 10.39
N ARG A 106 -2.24 4.59 11.45
CA ARG A 106 -2.80 4.70 12.79
C ARG A 106 -3.69 5.92 12.90
N GLN A 107 -3.23 7.06 12.37
CA GLN A 107 -3.98 8.29 12.48
C GLN A 107 -5.26 8.21 11.66
N ALA A 108 -5.17 7.65 10.46
CA ALA A 108 -6.35 7.54 9.60
C ALA A 108 -7.38 6.60 10.21
N ARG A 109 -6.93 5.55 10.87
CA ARG A 109 -7.86 4.59 11.46
C ARG A 109 -8.59 5.19 12.64
N ARG A 110 -7.92 6.06 13.40
CA ARG A 110 -8.61 6.74 14.50
C ARG A 110 -9.68 7.68 13.98
N GLN A 111 -9.49 8.24 12.79
CA GLN A 111 -10.56 9.03 12.20
C GLN A 111 -11.71 8.16 11.73
N ALA A 112 -11.39 7.00 11.14
CA ALA A 112 -12.44 6.07 10.73
C ALA A 112 -13.20 5.55 11.94
N GLU A 113 -12.50 5.28 13.05
CA GLU A 113 -13.14 4.77 14.25
C GLU A 113 -14.05 5.79 14.93
N LYS A 114 -13.95 7.07 14.58
CA LYS A 114 -14.92 8.06 15.02
C LYS A 114 -16.17 8.07 14.13
N MET A 115 -16.05 7.62 12.89
CA MET A 115 -17.19 7.54 12.00
C MET A 115 -18.15 6.45 12.46
C4 B0E B . 13.81 -4.56 -10.77
C5 B0E B . 12.73 -3.78 -10.42
C6 B0E B . 12.04 -3.99 -9.21
C11 B0E B . 9.30 -2.73 -6.93
C7 B0E B . 10.91 -3.17 -8.70
C8 B0E B . 10.37 -2.09 -9.41
C9 B0E B . 9.34 -1.35 -8.88
C10 B0E B . 8.81 -1.66 -7.66
C12 B0E B . 10.35 -3.49 -7.45
C3 B0E B . 14.22 -5.59 -9.93
C B0E B . 10.85 -4.62 -6.66
O B0E B . 10.41 -4.98 -5.61
C1 B0E B . 12.49 -5.04 -8.40
C2 B0E B . 13.56 -5.84 -8.74
O1 B0E B . 11.90 -5.34 -7.17
O2 B0E B . 15.31 -6.34 -10.28
O3 B0E B . 12.34 -2.82 -11.31
N NO3 C . 13.16 -5.45 8.56
O1 NO3 C . 12.88 -4.68 9.83
O2 NO3 C . 14.44 -5.81 8.23
O3 NO3 C . 12.13 -5.84 7.75
#